data_6EDL
#
_entry.id   6EDL
#
_cell.length_a   51.571
_cell.length_b   57.409
_cell.length_c   103.410
_cell.angle_alpha   90.00
_cell.angle_beta   90.00
_cell.angle_gamma   90.00
#
_symmetry.space_group_name_H-M   'P 21 21 21'
#
loop_
_entity.id
_entity.type
_entity.pdbx_description
1 polymer 'ALK tyrosine kinase receptor'
2 non-polymer N-[(1S)-1-(2,4-difluorophenyl)ethyl]-3-(5-methyl-1H-pyrazol-3-yl)imidazo[1,2-b]pyridazin-6-amine
3 water water
#
_entity_poly.entity_id   1
_entity_poly.type   'polypeptide(L)'
_entity_poly.pdbx_seq_one_letter_code
;GAMGSTDYNPNYCFAGKTSSISDLKEVPRKNITLIRGLGHGAFGEVYEGQVSGMPNDPSPLQVAVKTLPEVCSEQDELDF
LMEALIISKFNHQNIVRCIGVSLQSLPRFILLELMAGGDLKSFLRETRPRPSQPSSLAMLDLLHVARDIACGCQYLEENH
FIHRDIAARNCLLTCPGPGRVAKIGDFGMARDIYRASYYRKGGCAMLPVKWMPPEAFMEGIFTSKTDTWSFGVLLWEIFS
LGYMPYPSKSNQEVLEFVTSGGRMDPPKNCPGPVYRIMTQCWQHQPEDRPNFAIILERIEYCTQDPDVINTALPIEYGPL
VE
;
_entity_poly.pdbx_strand_id   A
#
loop_
_chem_comp.id
_chem_comp.type
_chem_comp.name
_chem_comp.formula
J4M non-polymer N-[(1S)-1-(2,4-difluorophenyl)ethyl]-3-(5-methyl-1H-pyrazol-3-yl)imidazo[1,2-b]pyridazin-6-amine 'C18 H16 F2 N6'
#
# COMPACT_ATOMS: atom_id res chain seq x y z
N ASN A 9 -13.33 14.20 20.17
CA ASN A 9 -13.60 15.62 20.03
C ASN A 9 -13.41 16.14 18.59
N PRO A 10 -12.35 15.73 17.88
CA PRO A 10 -12.21 16.16 16.49
C PRO A 10 -12.98 15.28 15.51
N ASN A 11 -13.52 15.91 14.47
CA ASN A 11 -14.34 15.25 13.47
C ASN A 11 -13.59 15.16 12.14
N TYR A 12 -14.21 14.47 11.19
CA TYR A 12 -13.52 14.09 9.96
C TYR A 12 -14.57 13.87 8.86
N CYS A 13 -14.23 14.27 7.64
CA CYS A 13 -15.15 14.17 6.51
C CYS A 13 -14.55 13.34 5.38
N PHE A 14 -15.45 12.69 4.63
CA PHE A 14 -15.09 11.85 3.49
C PHE A 14 -16.37 11.55 2.73
N ALA A 15 -16.27 11.61 1.40
CA ALA A 15 -17.39 11.39 0.48
C ALA A 15 -18.68 12.03 0.99
N GLY A 16 -18.55 13.28 1.43
CA GLY A 16 -19.66 14.12 1.83
C GLY A 16 -20.13 14.03 3.27
N LYS A 17 -19.77 12.97 4.00
CA LYS A 17 -20.32 12.77 5.35
C LYS A 17 -19.23 12.96 6.40
N THR A 18 -19.54 13.72 7.45
CA THR A 18 -18.62 13.97 8.56
C THR A 18 -18.91 12.99 9.68
N SER A 19 -17.86 12.55 10.37
CA SER A 19 -18.03 11.62 11.49
C SER A 19 -16.99 11.92 12.57
N SER A 20 -17.23 11.31 13.74
CA SER A 20 -16.36 11.47 14.90
C SER A 20 -16.21 10.14 15.61
N ILE A 21 -15.34 10.13 16.64
CA ILE A 21 -15.06 8.99 17.50
C ILE A 21 -16.35 8.27 17.84
N SER A 22 -17.42 9.05 18.02
CA SER A 22 -18.67 8.47 18.47
C SER A 22 -19.22 7.46 17.48
N ASP A 23 -18.90 7.61 16.20
CA ASP A 23 -19.37 6.68 15.18
C ASP A 23 -18.58 5.38 15.12
N LEU A 24 -17.40 5.31 15.74
CA LEU A 24 -16.62 4.07 15.75
C LEU A 24 -17.24 3.04 16.68
N LYS A 25 -17.20 1.78 16.27
CA LYS A 25 -17.71 0.71 17.13
C LYS A 25 -16.69 0.40 18.21
N GLU A 26 -16.98 0.80 19.44
CA GLU A 26 -16.08 0.57 20.56
C GLU A 26 -16.32 -0.80 21.18
N VAL A 27 -15.42 -1.74 20.91
CA VAL A 27 -15.53 -3.09 21.44
C VAL A 27 -14.92 -3.19 22.84
N PRO A 28 -15.65 -3.90 23.78
CA PRO A 28 -15.02 -3.97 25.11
C PRO A 28 -13.60 -4.52 25.03
N ARG A 29 -12.75 -4.12 25.97
CA ARG A 29 -11.36 -4.58 26.00
C ARG A 29 -11.18 -6.01 26.46
N LYS A 30 -12.00 -6.48 27.40
CA LYS A 30 -11.92 -7.86 27.90
C LYS A 30 -12.35 -8.87 26.83
N ASN A 31 -12.97 -8.42 25.74
CA ASN A 31 -13.39 -9.31 24.66
C ASN A 31 -12.29 -9.46 23.62
N ILE A 32 -11.17 -8.76 23.80
CA ILE A 32 -10.06 -8.75 22.86
C ILE A 32 -8.91 -9.50 23.52
N THR A 33 -8.37 -10.51 22.83
CA THR A 33 -7.21 -11.25 23.27
C THR A 33 -6.10 -11.14 22.24
N LEU A 34 -4.88 -10.83 22.67
CA LEU A 34 -3.79 -10.83 21.74
C LEU A 34 -3.14 -12.20 21.66
N ILE A 35 -2.23 -12.35 20.70
CA ILE A 35 -1.55 -13.60 20.46
C ILE A 35 -0.11 -13.27 20.06
N ARG A 36 0.24 -13.51 18.80
CA ARG A 36 1.59 -13.38 18.31
C ARG A 36 1.85 -11.97 17.81
N GLY A 37 3.10 -11.54 17.93
CA GLY A 37 3.49 -10.26 17.40
C GLY A 37 3.69 -10.42 15.90
N LEU A 38 3.28 -9.41 15.14
CA LEU A 38 3.39 -9.49 13.68
C LEU A 38 4.40 -8.51 13.10
N GLY A 39 4.49 -7.31 13.64
CA GLY A 39 5.49 -6.36 13.17
C GLY A 39 5.42 -5.08 13.95
N HIS A 40 6.22 -4.11 13.52
CA HIS A 40 6.28 -2.82 14.18
C HIS A 40 5.70 -1.72 13.31
N GLY A 44 4.28 2.24 17.10
CA GLY A 44 3.44 1.16 17.60
C GLY A 44 3.69 -0.15 16.89
N GLU A 45 3.03 -1.20 17.36
CA GLU A 45 3.24 -2.53 16.81
C GLU A 45 1.87 -3.07 16.39
N VAL A 46 1.90 -4.23 15.71
CA VAL A 46 0.70 -4.92 15.26
C VAL A 46 0.71 -6.36 15.75
N TYR A 47 -0.41 -6.79 16.34
CA TYR A 47 -0.56 -8.13 16.90
C TYR A 47 -1.68 -8.85 16.16
N GLU A 48 -1.55 -10.16 16.03
CA GLU A 48 -2.70 -10.99 15.69
C GLU A 48 -3.60 -11.10 16.91
N GLY A 49 -4.92 -10.97 16.71
CA GLY A 49 -5.84 -10.99 17.82
C GLY A 49 -7.11 -11.80 17.63
N GLN A 50 -7.89 -11.85 18.70
CA GLN A 50 -9.16 -12.58 18.83
C GLN A 50 -10.24 -11.74 19.52
N VAL A 51 -11.44 -11.72 18.95
CA VAL A 51 -12.60 -11.01 19.48
C VAL A 51 -13.70 -12.00 19.83
N SER A 52 -14.18 -11.94 21.08
CA SER A 52 -15.20 -12.81 21.63
C SER A 52 -16.56 -12.14 21.54
N SER A 59 -18.22 -19.21 16.18
CA SER A 59 -16.94 -19.07 15.48
C SER A 59 -16.36 -17.69 15.77
N PRO A 60 -15.55 -17.58 16.82
CA PRO A 60 -14.93 -16.28 17.15
C PRO A 60 -14.19 -15.68 15.96
N LEU A 61 -14.07 -14.36 15.99
CA LEU A 61 -13.49 -13.58 14.88
C LEU A 61 -12.00 -13.29 15.03
N GLN A 62 -11.23 -13.63 13.98
CA GLN A 62 -9.80 -13.38 13.90
C GLN A 62 -9.52 -11.96 13.42
N VAL A 63 -8.64 -11.22 14.13
CA VAL A 63 -8.37 -9.82 13.80
C VAL A 63 -6.89 -9.51 13.88
N ALA A 64 -6.50 -8.36 13.32
CA ALA A 64 -5.25 -7.71 13.62
C ALA A 64 -5.49 -6.53 14.55
N VAL A 65 -4.57 -6.32 15.49
CA VAL A 65 -4.67 -5.25 16.47
C VAL A 65 -3.47 -4.33 16.32
N LYS A 66 -3.72 -3.07 15.94
CA LYS A 66 -2.66 -2.07 15.94
C LYS A 66 -2.72 -1.34 17.26
N THR A 67 -1.58 -1.22 17.94
CA THR A 67 -1.55 -0.63 19.26
C THR A 67 -0.90 0.75 19.22
N LEU A 68 -1.34 1.60 20.13
CA LEU A 68 -0.65 2.85 20.32
C LEU A 68 0.10 2.69 21.62
N PRO A 69 1.43 2.80 21.62
CA PRO A 69 2.19 2.73 22.87
C PRO A 69 1.73 3.72 23.93
N GLU A 70 1.64 3.25 25.17
CA GLU A 70 1.15 4.08 26.27
C GLU A 70 2.11 5.22 26.55
N VAL A 71 3.40 4.98 26.35
CA VAL A 71 4.39 6.05 26.43
C VAL A 71 4.40 6.75 25.06
N CYS A 72 3.67 7.86 24.97
CA CYS A 72 3.63 8.63 23.73
C CYS A 72 3.15 10.04 24.02
N SER A 73 3.46 10.93 23.08
CA SER A 73 3.01 12.31 23.22
C SER A 73 1.50 12.41 22.97
N GLU A 74 0.94 13.55 23.33
CA GLU A 74 -0.46 13.87 23.04
C GLU A 74 -0.71 13.99 21.54
N GLN A 75 0.28 14.45 20.79
CA GLN A 75 0.17 14.50 19.33
C GLN A 75 -0.03 13.12 18.74
N ASP A 76 0.77 12.14 19.17
CA ASP A 76 0.64 10.76 18.72
C ASP A 76 -0.78 10.22 18.88
N GLU A 77 -1.43 10.44 20.04
CA GLU A 77 -2.77 9.87 20.22
C GLU A 77 -3.78 10.41 19.22
N LEU A 78 -3.74 11.73 18.95
CA LEU A 78 -4.66 12.27 17.96
C LEU A 78 -4.39 11.74 16.57
N ASP A 79 -3.13 11.60 16.18
CA ASP A 79 -2.83 10.96 14.90
C ASP A 79 -3.45 9.56 14.85
N PHE A 80 -3.30 8.82 15.95
CA PHE A 80 -3.88 7.48 16.08
C PHE A 80 -5.39 7.52 15.94
N LEU A 81 -6.03 8.40 16.72
CA LEU A 81 -7.47 8.59 16.65
C LEU A 81 -7.89 8.87 15.21
N MET A 82 -7.17 9.77 14.54
CA MET A 82 -7.52 10.13 13.18
C MET A 82 -7.46 8.91 12.26
N GLU A 83 -6.47 8.04 12.48
CA GLU A 83 -6.32 6.84 11.66
C GLU A 83 -7.50 5.89 11.83
N ALA A 84 -7.95 5.68 13.06
CA ALA A 84 -9.15 4.86 13.25
C ALA A 84 -10.31 5.45 12.46
N LEU A 85 -10.52 6.77 12.57
CA LEU A 85 -11.60 7.40 11.82
C LEU A 85 -11.43 7.20 10.31
N ILE A 86 -10.24 7.48 9.77
CA ILE A 86 -10.03 7.38 8.34
C ILE A 86 -10.28 5.95 7.85
N ILE A 87 -9.65 4.97 8.48
CA ILE A 87 -9.78 3.58 8.04
C ILE A 87 -11.20 3.07 8.23
N SER A 88 -11.90 3.55 9.26
CA SER A 88 -13.26 3.10 9.54
C SER A 88 -14.22 3.54 8.45
N LYS A 89 -13.89 4.61 7.75
CA LYS A 89 -14.74 5.25 6.75
C LYS A 89 -14.64 4.67 5.34
N PHE A 90 -13.64 3.85 5.05
CA PHE A 90 -13.57 3.23 3.73
C PHE A 90 -14.50 2.04 3.62
N ASN A 91 -15.10 1.88 2.44
CA ASN A 91 -15.86 0.66 2.12
C ASN A 91 -15.41 0.23 0.73
N HIS A 92 -14.36 -0.58 0.67
CA HIS A 92 -13.82 -1.06 -0.60
C HIS A 92 -13.03 -2.34 -0.36
N GLN A 93 -13.19 -3.29 -1.30
CA GLN A 93 -12.60 -4.62 -1.11
C GLN A 93 -11.08 -4.62 -1.18
N ASN A 94 -10.45 -3.58 -1.73
CA ASN A 94 -9.00 -3.52 -1.78
C ASN A 94 -8.41 -2.58 -0.71
N ILE A 95 -9.16 -2.33 0.35
CA ILE A 95 -8.68 -1.59 1.52
C ILE A 95 -9.06 -2.39 2.76
N VAL A 96 -8.06 -2.66 3.60
CA VAL A 96 -8.28 -3.44 4.82
C VAL A 96 -9.40 -2.83 5.64
N ARG A 97 -10.26 -3.70 6.14
CA ARG A 97 -11.44 -3.29 6.87
C ARG A 97 -11.03 -2.90 8.28
N CYS A 98 -11.75 -1.95 8.85
CA CYS A 98 -11.63 -1.66 10.27
C CYS A 98 -12.76 -2.38 10.98
N ILE A 99 -12.38 -3.27 11.89
CA ILE A 99 -13.35 -4.07 12.62
C ILE A 99 -14.01 -3.21 13.69
N GLY A 100 -13.21 -2.37 14.33
CA GLY A 100 -13.66 -1.58 15.45
C GLY A 100 -12.47 -0.98 16.16
N VAL A 101 -12.72 -0.47 17.35
CA VAL A 101 -11.70 0.20 18.14
C VAL A 101 -11.90 -0.15 19.60
N SER A 102 -10.82 -0.03 20.39
CA SER A 102 -10.90 -0.04 21.85
C SER A 102 -10.12 1.17 22.37
N LEU A 103 -10.77 2.35 22.44
CA LEU A 103 -10.04 3.55 22.80
C LEU A 103 -10.13 3.89 24.28
N GLN A 104 -11.09 3.31 24.99
CA GLN A 104 -11.41 3.61 26.37
C GLN A 104 -10.64 2.78 27.38
N SER A 105 -9.86 1.79 26.94
CA SER A 105 -8.99 1.10 27.88
C SER A 105 -7.58 1.27 27.33
N LEU A 106 -6.63 1.20 28.22
CA LEU A 106 -5.31 1.44 27.68
C LEU A 106 -4.36 0.23 27.73
N PRO A 107 -3.52 0.02 26.68
CA PRO A 107 -3.38 0.81 25.45
C PRO A 107 -4.53 0.75 24.47
N ARG A 108 -4.63 1.84 23.73
CA ARG A 108 -5.67 2.03 22.74
C ARG A 108 -5.46 1.10 21.57
N PHE A 109 -6.55 0.59 20.99
CA PHE A 109 -6.49 -0.40 19.92
C PHE A 109 -7.26 0.08 18.71
N ILE A 110 -6.73 -0.20 17.53
CA ILE A 110 -7.54 -0.19 16.31
C ILE A 110 -7.55 -1.64 15.84
N LEU A 111 -8.74 -2.19 15.59
CA LEU A 111 -8.90 -3.56 15.14
C LEU A 111 -9.10 -3.60 13.64
N LEU A 112 -8.29 -4.39 12.95
CA LEU A 112 -8.23 -4.38 11.50
C LEU A 112 -8.39 -5.80 10.96
N GLU A 113 -8.86 -5.86 9.72
CA GLU A 113 -8.93 -7.10 8.95
C GLU A 113 -7.61 -7.85 8.94
N LEU A 114 -7.65 -9.12 9.36
CA LEU A 114 -6.45 -9.96 9.37
C LEU A 114 -6.12 -10.40 7.94
N MET A 115 -4.88 -10.19 7.54
CA MET A 115 -4.36 -10.43 6.21
C MET A 115 -3.26 -11.47 6.31
N ALA A 116 -3.66 -12.76 6.26
CA ALA A 116 -2.77 -13.88 6.48
C ALA A 116 -1.59 -13.89 5.52
N GLY A 117 -1.70 -13.23 4.37
CA GLY A 117 -0.59 -13.16 3.44
C GLY A 117 0.52 -12.22 3.85
N GLY A 118 0.29 -11.39 4.88
CA GLY A 118 1.38 -10.57 5.34
C GLY A 118 1.64 -9.38 4.45
N ASP A 119 2.80 -8.78 4.69
CA ASP A 119 3.22 -7.60 3.95
C ASP A 119 3.60 -7.94 2.52
N LEU A 120 3.28 -7.04 1.59
CA LEU A 120 3.57 -7.32 0.20
C LEU A 120 5.06 -7.48 -0.11
N LYS A 121 5.91 -6.61 0.46
CA LYS A 121 7.36 -6.68 0.24
C LYS A 121 8.03 -7.97 0.71
N SER A 122 7.86 -8.36 1.97
CA SER A 122 8.48 -9.63 2.40
C SER A 122 7.93 -10.77 1.56
N PHE A 123 6.64 -10.70 1.21
CA PHE A 123 6.05 -11.75 0.40
C PHE A 123 6.81 -11.89 -0.91
N LEU A 124 7.04 -10.78 -1.60
CA LEU A 124 7.80 -10.84 -2.84
C LEU A 124 9.19 -11.38 -2.56
N ARG A 125 9.84 -10.84 -1.54
CA ARG A 125 11.19 -11.28 -1.18
C ARG A 125 11.26 -12.74 -0.78
N GLU A 126 10.27 -13.23 -0.04
CA GLU A 126 10.35 -14.60 0.47
C GLU A 126 9.86 -15.64 -0.53
N THR A 127 9.04 -15.25 -1.50
CA THR A 127 8.54 -16.19 -2.49
C THR A 127 9.20 -16.02 -3.85
N ARG A 128 10.30 -15.29 -3.95
CA ARG A 128 11.02 -15.19 -5.21
C ARG A 128 11.40 -16.59 -5.69
N PRO A 129 11.02 -16.97 -6.91
CA PRO A 129 11.50 -18.23 -7.47
C PRO A 129 12.96 -18.53 -7.25
N ARG A 130 13.22 -19.78 -6.85
CA ARG A 130 14.53 -20.38 -6.64
C ARG A 130 14.45 -21.82 -7.13
N PRO A 131 15.58 -22.53 -7.29
CA PRO A 131 15.52 -23.98 -7.54
C PRO A 131 14.70 -24.71 -6.49
N SER A 132 14.49 -24.06 -5.34
CA SER A 132 13.65 -24.62 -4.30
C SER A 132 12.18 -24.53 -4.65
N GLN A 133 11.73 -23.34 -5.08
CA GLN A 133 10.36 -23.10 -5.49
C GLN A 133 10.33 -22.76 -6.97
N PRO A 134 10.36 -23.77 -7.88
CA PRO A 134 10.57 -23.49 -9.30
C PRO A 134 9.66 -22.38 -9.81
N SER A 135 8.36 -22.63 -9.86
CA SER A 135 7.41 -21.59 -10.25
C SER A 135 6.48 -21.30 -9.07
N SER A 136 7.04 -20.78 -7.99
CA SER A 136 6.26 -20.43 -6.81
C SER A 136 5.43 -19.18 -7.08
N LEU A 137 5.61 -18.62 -8.27
CA LEU A 137 4.89 -17.41 -8.67
C LEU A 137 5.16 -17.10 -10.15
N ALA A 138 4.11 -16.67 -10.85
CA ALA A 138 4.25 -16.35 -12.26
C ALA A 138 3.95 -14.87 -12.54
N MET A 139 4.14 -14.47 -13.79
CA MET A 139 3.90 -13.08 -14.19
C MET A 139 2.47 -12.62 -13.89
N LEU A 140 1.47 -13.43 -14.26
CA LEU A 140 0.08 -13.09 -13.98
C LEU A 140 -0.22 -12.82 -12.51
N ASP A 141 0.43 -13.53 -11.58
CA ASP A 141 0.19 -13.25 -10.16
C ASP A 141 0.62 -11.85 -9.78
N LEU A 142 1.73 -11.36 -10.35
CA LEU A 142 2.17 -10.00 -10.09
C LEU A 142 1.21 -8.97 -10.66
N LEU A 143 0.71 -9.20 -11.88
CA LEU A 143 -0.24 -8.25 -12.47
C LEU A 143 -1.51 -8.14 -11.63
N HIS A 144 -2.01 -9.26 -11.13
CA HIS A 144 -3.19 -9.24 -10.25
C HIS A 144 -2.95 -8.44 -8.98
N VAL A 145 -1.78 -8.58 -8.36
CA VAL A 145 -1.46 -7.74 -7.20
C VAL A 145 -1.47 -6.27 -7.59
N ALA A 146 -0.92 -5.94 -8.76
CA ALA A 146 -0.88 -4.55 -9.21
C ALA A 146 -2.27 -3.99 -9.47
N ARG A 147 -3.11 -4.76 -10.16
CA ARG A 147 -4.50 -4.38 -10.39
C ARG A 147 -5.25 -4.15 -9.09
N ASP A 148 -5.14 -5.07 -8.13
CA ASP A 148 -5.82 -4.90 -6.84
C ASP A 148 -5.53 -3.55 -6.21
N ILE A 149 -4.25 -3.19 -6.11
CA ILE A 149 -3.88 -1.94 -5.47
C ILE A 149 -4.35 -0.74 -6.30
N ALA A 150 -4.21 -0.82 -7.62
CA ALA A 150 -4.79 0.22 -8.49
C ALA A 150 -6.28 0.38 -8.25
N CYS A 151 -6.99 -0.73 -7.99
CA CYS A 151 -8.43 -0.64 -7.76
C CYS A 151 -8.74 0.10 -6.46
N GLY A 152 -8.01 -0.21 -5.40
CA GLY A 152 -8.13 0.55 -4.16
C GLY A 152 -7.73 2.01 -4.33
N CYS A 153 -6.69 2.27 -5.12
CA CYS A 153 -6.26 3.65 -5.38
C CYS A 153 -7.29 4.41 -6.18
N GLN A 154 -7.95 3.75 -7.13
CA GLN A 154 -8.98 4.43 -7.91
C GLN A 154 -10.14 4.82 -7.02
N TYR A 155 -10.56 3.92 -6.14
CA TYR A 155 -11.56 4.25 -5.11
C TYR A 155 -11.14 5.44 -4.28
N LEU A 156 -9.88 5.47 -3.80
CA LEU A 156 -9.38 6.66 -3.14
C LEU A 156 -9.49 7.89 -4.03
N GLU A 157 -9.02 7.77 -5.28
CA GLU A 157 -9.07 8.89 -6.22
C GLU A 157 -10.51 9.32 -6.49
N GLU A 158 -11.43 8.36 -6.69
CA GLU A 158 -12.81 8.73 -6.98
C GLU A 158 -13.44 9.48 -5.81
N ASN A 159 -12.92 9.26 -4.61
CA ASN A 159 -13.39 9.93 -3.41
C ASN A 159 -12.47 11.06 -2.96
N HIS A 160 -11.55 11.49 -3.83
CA HIS A 160 -10.73 12.69 -3.59
C HIS A 160 -9.87 12.56 -2.33
N PHE A 161 -9.33 11.37 -2.11
CA PHE A 161 -8.45 11.08 -0.99
C PHE A 161 -7.07 10.75 -1.54
N ILE A 162 -6.05 11.44 -1.02
CA ILE A 162 -4.67 11.26 -1.47
C ILE A 162 -3.89 10.48 -0.40
N HIS A 163 -3.30 9.35 -0.79
CA HIS A 163 -2.64 8.46 0.16
C HIS A 163 -1.28 8.99 0.61
N ARG A 164 -0.47 9.46 -0.33
CA ARG A 164 0.84 10.07 -0.14
C ARG A 164 1.97 9.10 0.19
N ASP A 165 1.70 7.80 0.34
CA ASP A 165 2.75 6.86 0.73
C ASP A 165 2.42 5.47 0.19
N ILE A 166 2.04 5.40 -1.08
CA ILE A 166 1.79 4.11 -1.72
C ILE A 166 3.13 3.40 -1.89
N ALA A 167 3.21 2.18 -1.38
CA ALA A 167 4.46 1.41 -1.36
C ALA A 167 4.16 -0.02 -0.91
N ALA A 168 5.00 -0.96 -1.38
CA ALA A 168 4.78 -2.38 -1.10
C ALA A 168 4.69 -2.64 0.40
N ARG A 169 5.53 -1.95 1.18
CA ARG A 169 5.50 -2.05 2.63
C ARG A 169 4.17 -1.68 3.25
N ASN A 170 3.31 -0.96 2.52
CA ASN A 170 1.99 -0.57 2.99
C ASN A 170 0.87 -1.38 2.36
N CYS A 171 1.19 -2.40 1.56
CA CYS A 171 0.21 -3.34 1.03
C CYS A 171 0.28 -4.69 1.72
N LEU A 172 -0.89 -5.34 1.80
CA LEU A 172 -1.06 -6.61 2.50
C LEU A 172 -1.76 -7.61 1.58
N LEU A 173 -1.56 -8.90 1.85
CA LEU A 173 -2.21 -9.97 1.08
C LEU A 173 -3.11 -10.83 1.98
N THR A 174 -4.28 -11.18 1.42
CA THR A 174 -5.25 -11.98 2.17
C THR A 174 -4.73 -13.37 2.52
N CYS A 175 -4.00 -14.00 1.61
CA CYS A 175 -3.44 -15.32 1.88
C CYS A 175 -2.17 -15.49 1.04
N PRO A 176 -1.34 -16.49 1.35
CA PRO A 176 -0.16 -16.75 0.52
C PRO A 176 -0.46 -17.34 -0.86
N GLY A 177 -1.36 -18.32 -0.95
CA GLY A 177 -1.48 -19.09 -2.17
C GLY A 177 -2.34 -18.43 -3.24
N PRO A 178 -2.73 -19.22 -4.25
CA PRO A 178 -3.62 -18.69 -5.29
C PRO A 178 -4.89 -18.09 -4.68
N GLY A 179 -5.40 -17.05 -5.34
CA GLY A 179 -6.61 -16.41 -4.85
C GLY A 179 -6.36 -15.31 -3.87
N ARG A 180 -5.09 -15.04 -3.53
CA ARG A 180 -4.74 -13.94 -2.65
C ARG A 180 -5.27 -12.65 -3.24
N VAL A 181 -5.71 -11.75 -2.37
CA VAL A 181 -6.07 -10.39 -2.77
C VAL A 181 -5.18 -9.40 -2.04
N ALA A 182 -4.65 -8.43 -2.79
CA ALA A 182 -3.83 -7.38 -2.22
C ALA A 182 -4.71 -6.19 -1.85
N LYS A 183 -4.44 -5.63 -0.67
CA LYS A 183 -5.19 -4.47 -0.19
C LYS A 183 -4.23 -3.45 0.42
N ILE A 184 -4.60 -2.17 0.34
CA ILE A 184 -3.86 -1.14 1.05
C ILE A 184 -4.13 -1.26 2.55
N GLY A 185 -3.07 -1.34 3.34
CA GLY A 185 -3.23 -1.61 4.77
C GLY A 185 -2.57 -0.67 5.76
N ASP A 186 -2.01 0.45 5.31
CA ASP A 186 -1.36 1.39 6.21
C ASP A 186 -1.54 2.81 5.70
N PHE A 187 -1.80 3.76 6.61
CA PHE A 187 -2.03 5.14 6.20
C PHE A 187 -1.19 6.16 6.94
N CYS A 204 11.95 15.30 7.24
CA CYS A 204 12.95 15.64 6.24
C CYS A 204 13.59 14.39 5.65
N ALA A 205 14.66 13.94 6.31
CA ALA A 205 15.31 12.67 6.05
C ALA A 205 14.37 11.47 6.16
N MET A 206 13.21 11.65 6.80
CA MET A 206 12.26 10.53 6.96
C MET A 206 11.24 10.41 5.84
N LEU A 207 11.09 11.44 5.02
CA LEU A 207 10.14 11.39 3.92
C LEU A 207 10.51 10.28 2.93
N PRO A 208 9.54 9.52 2.43
CA PRO A 208 9.82 8.46 1.45
C PRO A 208 10.06 9.02 0.06
N VAL A 209 11.12 9.82 -0.04
CA VAL A 209 11.58 10.54 -1.22
C VAL A 209 11.50 9.65 -2.45
N LYS A 210 11.89 8.39 -2.28
CA LYS A 210 12.04 7.48 -3.40
C LYS A 210 10.71 7.05 -4.00
N TRP A 211 9.59 7.38 -3.35
CA TRP A 211 8.26 7.08 -3.88
C TRP A 211 7.51 8.36 -4.27
N MET A 212 8.17 9.53 -4.21
CA MET A 212 7.57 10.85 -4.39
C MET A 212 7.96 11.49 -5.72
N PRO A 213 6.98 12.02 -6.43
CA PRO A 213 7.23 12.74 -7.66
C PRO A 213 7.89 14.08 -7.38
N PRO A 214 8.50 14.69 -8.40
CA PRO A 214 9.19 15.98 -8.21
C PRO A 214 8.37 17.03 -7.47
N GLU A 215 7.10 17.20 -7.85
CA GLU A 215 6.28 18.24 -7.25
C GLU A 215 6.02 17.99 -5.77
N ALA A 216 6.04 16.74 -5.32
CA ALA A 216 5.88 16.47 -3.90
C ALA A 216 7.08 16.96 -3.08
N PHE A 217 8.28 16.44 -3.37
CA PHE A 217 9.42 16.77 -2.50
C PHE A 217 10.00 18.17 -2.67
N MET A 218 9.76 18.85 -3.79
CA MET A 218 10.25 20.22 -3.91
C MET A 218 9.27 21.24 -3.38
N GLU A 219 7.98 21.06 -3.66
CA GLU A 219 6.98 22.08 -3.38
C GLU A 219 5.96 21.66 -2.33
N GLY A 220 5.92 20.39 -1.94
CA GLY A 220 4.86 19.90 -1.06
C GLY A 220 3.48 19.94 -1.67
N ILE A 221 3.41 19.78 -2.98
CA ILE A 221 2.14 19.67 -3.70
C ILE A 221 1.76 18.20 -3.84
N PHE A 222 0.55 17.88 -3.38
CA PHE A 222 0.01 16.53 -3.43
C PHE A 222 -1.31 16.55 -4.18
N THR A 223 -1.50 15.54 -5.00
CA THR A 223 -2.67 15.36 -5.85
C THR A 223 -2.94 13.88 -6.02
N SER A 224 -4.02 13.57 -6.73
CA SER A 224 -4.23 12.18 -7.08
C SER A 224 -3.10 11.71 -8.01
N LYS A 225 -2.52 12.65 -8.77
CA LYS A 225 -1.39 12.35 -9.63
C LYS A 225 -0.10 12.11 -8.84
N THR A 226 -0.01 12.58 -7.60
CA THR A 226 1.14 12.22 -6.78
C THR A 226 1.03 10.77 -6.31
N ASP A 227 -0.19 10.29 -6.05
CA ASP A 227 -0.39 8.86 -5.80
C ASP A 227 -0.07 8.06 -7.07
N THR A 228 -0.43 8.58 -8.24
CA THR A 228 -0.09 7.92 -9.49
C THR A 228 1.41 7.65 -9.62
N TRP A 229 2.24 8.66 -9.37
CA TRP A 229 3.69 8.45 -9.36
C TRP A 229 4.12 7.35 -8.38
N SER A 230 3.68 7.43 -7.13
CA SER A 230 4.00 6.38 -6.16
C SER A 230 3.59 4.99 -6.65
N PHE A 231 2.42 4.88 -7.29
CA PHE A 231 2.00 3.58 -7.82
C PHE A 231 2.97 3.03 -8.86
N GLY A 232 3.44 3.87 -9.77
CA GLY A 232 4.52 3.44 -10.65
C GLY A 232 5.70 2.86 -9.92
N VAL A 233 6.12 3.48 -8.81
CA VAL A 233 7.26 2.94 -8.07
C VAL A 233 6.89 1.60 -7.46
N LEU A 234 5.70 1.51 -6.85
CA LEU A 234 5.19 0.25 -6.33
C LEU A 234 5.19 -0.80 -7.44
N LEU A 235 4.81 -0.40 -8.65
CA LEU A 235 4.83 -1.30 -9.79
C LEU A 235 6.24 -1.83 -10.04
N TRP A 236 7.24 -0.94 -10.04
CA TRP A 236 8.62 -1.40 -10.08
C TRP A 236 8.93 -2.35 -8.93
N GLU A 237 8.38 -2.05 -7.75
CA GLU A 237 8.60 -2.88 -6.57
C GLU A 237 8.06 -4.29 -6.79
N ILE A 238 6.83 -4.40 -7.33
CA ILE A 238 6.22 -5.70 -7.57
C ILE A 238 7.04 -6.51 -8.57
N PHE A 239 7.36 -5.93 -9.72
CA PHE A 239 8.05 -6.68 -10.77
C PHE A 239 9.54 -6.89 -10.48
N SER A 240 10.16 -6.09 -9.61
CA SER A 240 11.50 -6.43 -9.16
C SER A 240 11.47 -7.52 -8.10
N LEU A 241 10.28 -7.92 -7.67
CA LEU A 241 10.06 -8.89 -6.60
C LEU A 241 10.66 -8.42 -5.27
N GLY A 242 10.40 -7.17 -4.93
CA GLY A 242 10.70 -6.66 -3.60
C GLY A 242 12.11 -6.14 -3.44
N TYR A 243 12.75 -5.73 -4.53
CA TYR A 243 14.02 -5.02 -4.42
C TYR A 243 13.68 -3.61 -3.93
N MET A 244 14.58 -3.02 -3.14
CA MET A 244 14.47 -1.59 -2.83
C MET A 244 14.63 -0.73 -4.09
N PRO A 245 13.74 0.24 -4.35
CA PRO A 245 13.94 1.19 -5.47
C PRO A 245 15.27 1.95 -5.45
N TYR A 246 15.73 2.34 -6.65
CA TYR A 246 17.01 3.00 -6.87
C TYR A 246 18.08 2.34 -5.99
N PRO A 247 18.33 1.05 -6.18
CA PRO A 247 19.08 0.25 -5.19
C PRO A 247 20.43 0.81 -4.76
N SER A 248 21.16 1.52 -5.62
CA SER A 248 22.45 2.05 -5.24
C SER A 248 22.45 3.55 -4.97
N LYS A 249 21.30 4.21 -5.00
CA LYS A 249 21.25 5.65 -4.75
C LYS A 249 20.77 5.95 -3.34
N SER A 250 21.34 7.01 -2.75
CA SER A 250 20.86 7.62 -1.53
C SER A 250 19.63 8.48 -1.81
N ASN A 251 18.96 8.92 -0.76
CA ASN A 251 17.80 9.79 -0.94
C ASN A 251 18.14 11.03 -1.76
N GLN A 252 19.23 11.71 -1.41
CA GLN A 252 19.59 12.93 -2.13
C GLN A 252 19.98 12.63 -3.57
N GLU A 253 20.71 11.53 -3.80
CA GLU A 253 21.02 11.11 -5.15
C GLU A 253 19.75 10.87 -5.96
N VAL A 254 18.74 10.25 -5.33
CA VAL A 254 17.46 10.04 -6.00
C VAL A 254 16.82 11.38 -6.34
N LEU A 255 16.78 12.29 -5.37
CA LEU A 255 16.18 13.61 -5.60
C LEU A 255 16.83 14.32 -6.78
N GLU A 256 18.17 14.35 -6.81
CA GLU A 256 18.88 14.92 -7.96
C GLU A 256 18.68 14.11 -9.23
N PHE A 257 18.74 12.78 -9.13
CA PHE A 257 18.53 11.92 -10.30
C PHE A 257 17.17 12.16 -10.95
N VAL A 258 16.10 12.10 -10.16
CA VAL A 258 14.75 12.20 -10.70
CA VAL A 258 14.76 12.18 -10.74
C VAL A 258 14.49 13.59 -11.28
N THR A 259 14.97 14.63 -10.60
CA THR A 259 14.77 15.98 -11.08
CA THR A 259 14.77 15.99 -11.09
C THR A 259 15.43 16.18 -12.45
N SER A 260 16.65 15.68 -12.62
CA SER A 260 17.36 15.79 -13.89
C SER A 260 16.72 14.96 -15.00
N GLY A 261 15.62 14.26 -14.73
CA GLY A 261 14.95 13.43 -15.71
C GLY A 261 15.28 11.96 -15.63
N GLY A 262 16.15 11.56 -14.71
CA GLY A 262 16.49 10.15 -14.54
C GLY A 262 15.31 9.34 -14.03
N ARG A 263 15.17 8.13 -14.60
CA ARG A 263 14.15 7.19 -14.18
C ARG A 263 14.79 5.82 -13.98
N MET A 264 14.17 4.98 -13.16
CA MET A 264 14.61 3.60 -12.97
C MET A 264 14.54 2.83 -14.29
N ASP A 265 15.48 1.91 -14.45
CA ASP A 265 15.48 0.92 -15.49
C ASP A 265 14.40 -0.13 -15.19
N PRO A 266 13.96 -0.92 -16.18
CA PRO A 266 12.99 -2.03 -15.88
C PRO A 266 13.56 -3.06 -14.92
N PRO A 267 12.71 -3.63 -14.06
CA PRO A 267 13.13 -4.79 -13.27
C PRO A 267 13.62 -5.89 -14.20
N LYS A 268 14.45 -6.78 -13.68
CA LYS A 268 14.91 -7.89 -14.49
C LYS A 268 13.75 -8.66 -15.09
N ASN A 269 13.80 -8.82 -16.42
CA ASN A 269 12.84 -9.59 -17.20
C ASN A 269 11.46 -8.93 -17.30
N CYS A 270 11.33 -7.68 -16.87
CA CYS A 270 10.02 -7.04 -16.87
C CYS A 270 9.52 -6.84 -18.30
N PRO A 271 8.32 -7.31 -18.63
CA PRO A 271 7.77 -7.08 -19.98
C PRO A 271 7.58 -5.61 -20.28
N GLY A 272 7.88 -5.24 -21.54
CA GLY A 272 7.75 -3.88 -22.01
C GLY A 272 6.41 -3.19 -21.75
N PRO A 273 5.29 -3.84 -22.06
CA PRO A 273 4.00 -3.19 -21.76
C PRO A 273 3.84 -2.81 -20.31
N VAL A 274 4.42 -3.60 -19.39
CA VAL A 274 4.33 -3.27 -17.98
C VAL A 274 5.28 -2.14 -17.63
N TYR A 275 6.52 -2.21 -18.13
CA TYR A 275 7.47 -1.12 -17.94
C TYR A 275 6.92 0.19 -18.51
N ARG A 276 6.23 0.12 -19.65
CA ARG A 276 5.64 1.32 -20.23
C ARG A 276 4.63 1.98 -19.29
N ILE A 277 3.88 1.19 -18.51
CA ILE A 277 3.01 1.80 -17.50
C ILE A 277 3.83 2.54 -16.44
N MET A 278 4.90 1.93 -15.94
CA MET A 278 5.79 2.63 -14.99
C MET A 278 6.30 3.96 -15.52
N THR A 279 6.79 4.00 -16.77
CA THR A 279 7.36 5.25 -17.27
C THR A 279 6.28 6.32 -17.44
N GLN A 280 5.08 5.93 -17.86
CA GLN A 280 3.99 6.89 -17.95
C GLN A 280 3.55 7.39 -16.59
N CYS A 281 3.58 6.51 -15.57
CA CYS A 281 3.34 6.97 -14.21
C CYS A 281 4.37 7.98 -13.75
N TRP A 282 5.59 7.92 -14.28
CA TRP A 282 6.65 8.82 -13.86
C TRP A 282 6.86 9.97 -14.83
N GLN A 283 5.85 10.33 -15.63
CA GLN A 283 5.94 11.53 -16.45
C GLN A 283 6.21 12.71 -15.52
N HIS A 284 7.12 13.61 -15.94
CA HIS A 284 7.53 14.68 -15.03
C HIS A 284 6.39 15.63 -14.68
N GLN A 285 5.64 16.06 -15.69
CA GLN A 285 4.47 16.89 -15.42
C GLN A 285 3.27 16.04 -14.99
N PRO A 286 2.67 16.33 -13.83
CA PRO A 286 1.52 15.54 -13.35
C PRO A 286 0.36 15.45 -14.32
N GLU A 287 0.05 16.53 -15.02
CA GLU A 287 -1.05 16.51 -15.98
C GLU A 287 -0.86 15.48 -17.08
N ASP A 288 0.38 15.04 -17.31
CA ASP A 288 0.64 14.00 -18.30
C ASP A 288 0.61 12.59 -17.73
N ARG A 289 0.57 12.41 -16.39
CA ARG A 289 0.40 11.07 -15.82
C ARG A 289 -1.05 10.60 -15.86
N PRO A 290 -1.27 9.30 -16.08
CA PRO A 290 -2.63 8.74 -16.06
C PRO A 290 -3.29 8.82 -14.70
N ASN A 291 -4.61 8.99 -14.70
CA ASN A 291 -5.37 8.72 -13.50
C ASN A 291 -5.44 7.20 -13.29
N PHE A 292 -6.06 6.79 -12.18
CA PHE A 292 -6.05 5.37 -11.84
C PHE A 292 -7.04 4.55 -12.67
N ALA A 293 -8.07 5.17 -13.23
CA ALA A 293 -8.93 4.42 -14.14
C ALA A 293 -8.14 3.92 -15.35
N ILE A 294 -7.26 4.76 -15.90
CA ILE A 294 -6.51 4.37 -17.09
C ILE A 294 -5.43 3.35 -16.72
N ILE A 295 -4.75 3.58 -15.60
CA ILE A 295 -3.75 2.62 -15.11
C ILE A 295 -4.39 1.25 -14.96
N LEU A 296 -5.58 1.22 -14.35
CA LEU A 296 -6.32 -0.03 -14.21
C LEU A 296 -6.58 -0.62 -15.59
N GLU A 297 -7.04 0.22 -16.51
CA GLU A 297 -7.29 -0.17 -17.90
C GLU A 297 -6.05 -0.77 -18.56
N ARG A 298 -4.89 -0.16 -18.32
CA ARG A 298 -3.66 -0.63 -18.94
C ARG A 298 -3.16 -1.93 -18.33
N ILE A 299 -3.29 -2.08 -17.01
CA ILE A 299 -2.92 -3.34 -16.38
C ILE A 299 -3.79 -4.49 -16.86
N GLU A 300 -5.10 -4.25 -17.02
CA GLU A 300 -5.97 -5.30 -17.52
C GLU A 300 -5.60 -5.71 -18.94
N TYR A 301 -5.35 -4.73 -19.82
CA TYR A 301 -4.84 -5.03 -21.15
C TYR A 301 -3.59 -5.91 -21.12
N CYS A 302 -2.65 -5.59 -20.23
CA CYS A 302 -1.45 -6.43 -20.06
C CYS A 302 -1.81 -7.88 -19.73
N THR A 303 -2.81 -8.09 -18.86
CA THR A 303 -3.19 -9.45 -18.49
C THR A 303 -3.84 -10.21 -19.64
N GLN A 304 -4.27 -9.52 -20.69
CA GLN A 304 -4.78 -10.19 -21.88
CA GLN A 304 -4.79 -10.13 -21.90
C GLN A 304 -3.73 -10.32 -22.97
N ASP A 305 -2.45 -10.20 -22.63
CA ASP A 305 -1.39 -10.31 -23.62
C ASP A 305 -0.55 -11.54 -23.31
N PRO A 306 -0.62 -12.60 -24.12
CA PRO A 306 0.16 -13.81 -23.83
C PRO A 306 1.66 -13.57 -23.71
N ASP A 307 2.22 -12.69 -24.52
CA ASP A 307 3.65 -12.40 -24.43
C ASP A 307 4.02 -11.75 -23.10
N VAL A 308 3.09 -11.02 -22.49
CA VAL A 308 3.32 -10.51 -21.14
C VAL A 308 3.23 -11.65 -20.13
N ILE A 309 2.09 -12.33 -20.09
CA ILE A 309 1.85 -13.30 -19.02
C ILE A 309 2.62 -14.60 -19.19
N ASN A 310 3.16 -14.91 -20.37
CA ASN A 310 4.03 -16.06 -20.51
C ASN A 310 5.50 -15.79 -20.21
N THR A 311 5.88 -14.59 -19.79
CA THR A 311 7.27 -14.29 -19.47
C THR A 311 7.66 -14.90 -18.15
N ALA A 312 8.75 -15.68 -18.16
CA ALA A 312 9.27 -16.27 -16.94
C ALA A 312 9.86 -15.21 -16.02
N LEU A 313 9.59 -15.36 -14.74
CA LEU A 313 10.24 -14.55 -13.73
C LEU A 313 11.69 -15.01 -13.56
N PRO A 314 12.61 -14.10 -13.22
CA PRO A 314 14.01 -14.49 -13.01
C PRO A 314 14.14 -15.24 -11.69
N ILE A 315 15.06 -16.18 -11.67
CA ILE A 315 15.17 -17.06 -10.54
C ILE A 315 16.39 -16.76 -9.71
C5 J4M B . 2.85 -7.21 9.39
C6 J4M B . 3.64 -8.37 9.26
C7 J4M B . 3.04 -9.57 9.03
C8 J4M B . 1.64 -9.63 8.94
C10 J4M B . -0.44 -10.20 8.73
C13 J4M B . -1.52 -6.57 9.27
C15 J4M B . -3.25 -4.66 9.47
C21 J4M B . 1.98 -4.25 8.71
C22 J4M B . 2.52 -4.50 7.46
C24 J4M B . 0.78 -3.21 6.44
C26 J4M B . 0.24 -2.94 7.69
C1 J4M B . 3.50 -3.73 10.59
C11 J4M B . -0.42 -8.84 8.95
C12 J4M B . -1.57 -7.93 9.01
C14 J4M B . -2.83 -6.09 9.25
C2 J4M B . 2.62 -4.81 9.96
C23 J4M B . 1.92 -3.99 6.33
C27 J4M B . 0.84 -3.47 8.82
F25 J4M B . 0.20 -2.71 5.33
F28 J4M B . 0.31 -3.21 10.04
N16 J4M B . -3.64 -7.10 9.01
N17 J4M B . -2.89 -8.27 8.86
N19 J4M B . 0.91 -8.49 9.07
N20 J4M B . 1.55 -7.28 9.31
N4 J4M B . 3.45 -5.97 9.61
N9 J4M B . 0.81 -10.66 8.74
#